data_3FHC
#
_entry.id   3FHC
#
_cell.length_a   117.409
_cell.length_b   134.707
_cell.length_c   152.845
_cell.angle_alpha   90.000
_cell.angle_beta   90.000
_cell.angle_gamma   90.000
#
_symmetry.space_group_name_H-M   'I 2 2 2'
#
loop_
_entity.id
_entity.type
_entity.pdbx_description
1 polymer 'Nuclear pore complex protein Nup214'
2 polymer 'ATP-dependent RNA helicase DDX19B'
3 water water
#
loop_
_entity_poly.entity_id
_entity_poly.type
_entity_poly.pdbx_seq_one_letter_code
_entity_poly.pdbx_strand_id
1 'polypeptide(L)'
;MGDEMDAMIPEREMKDFQFRALKKVRIFDSPEELPKERSSLLAVSNKYGLVFAGGASGLQIFPTKNLLIQNKPGDDPNKI
VDKVQGLLVPMKFPIHHLALSCDNLTLSACMMSSEYGSIIAFFDVRTFSNEAKQQKRPFAYHKLLKDAGGMVIDMKWNPT
VPSMVAVCLADGSIAVLQVTETVKVCATLPSTVAVTSVCWSPKGKQLAVGKQNGTVVQYLPTLQEKKVIPCPPFYESDHP
VRVLDVLWIGTYVFAIVYAAADGTLETSPDVVMALLPKKEEKHPEIFVNFMEPCYGSCTERQHHYYLSYIEEWDLVLAAS
AASTEVSILARQSDQINWESWLLEDSSRAELPVTDKSDDSLPMGVVVDYTNQVEITISDEKTLPPAPVLMLLSTDGVLCP
FYMIN
;
A
2 'polypeptide(L)'
;SNLVDNTNQVEVLQRDPNSPLYSVKSFEELRLKPQLLQGVYAMGFNRPSKIQENALPLMLAEPPQNLIAQSQSGTGKTAA
FVLAMLSQVEPANKYPQCLCLSPTYELALQTGKVIEQMGKFYPELKLAYAVRGNKLERGQKISEQIVIGTPGTVLDWCSK
LKFIDPKKIKVFVLDEADVMIATQGHQDQSIRIQRMLPRNCQMLLFSATFEDSVWKFAQKVVPDPNVIKLKREEE
;
B
#
# COMPACT_ATOMS: atom_id res chain seq x y z
N ILE A 9 8.69 17.23 6.25
CA ILE A 9 10.06 16.70 5.95
C ILE A 9 10.48 15.52 6.86
N PRO A 10 10.03 15.50 8.12
CA PRO A 10 10.56 14.49 9.04
C PRO A 10 9.73 13.25 9.35
N GLU A 11 10.35 12.08 9.17
CA GLU A 11 9.82 10.78 9.60
C GLU A 11 10.00 10.58 11.12
N ARG A 12 9.02 9.96 11.75
CA ARG A 12 9.21 9.54 13.14
C ARG A 12 8.48 8.23 13.46
N GLU A 13 9.16 7.34 14.18
CA GLU A 13 8.65 6.02 14.51
C GLU A 13 7.50 6.09 15.50
N MET A 14 6.32 5.75 15.00
CA MET A 14 5.14 5.69 15.82
C MET A 14 4.91 4.26 16.20
N LYS A 15 4.99 3.98 17.48
CA LYS A 15 4.72 2.65 18.00
C LYS A 15 3.40 2.71 18.72
N ASP A 16 2.65 3.80 18.50
CA ASP A 16 1.39 3.95 19.22
C ASP A 16 0.20 4.03 18.28
N PHE A 17 0.35 3.51 17.07
CA PHE A 17 -0.74 3.50 16.12
C PHE A 17 -0.70 2.25 15.28
N GLN A 18 -1.80 1.53 15.27
CA GLN A 18 -1.92 0.33 14.49
C GLN A 18 -3.05 0.56 13.51
N PHE A 19 -2.89 0.10 12.28
CA PHE A 19 -4.05 -0.22 11.43
C PHE A 19 -4.27 -1.70 11.65
N ARG A 20 -5.26 -2.08 12.44
CA ARG A 20 -5.49 -3.49 12.68
C ARG A 20 -6.46 -4.06 11.65
N ALA A 21 -5.99 -5.02 10.88
CA ALA A 21 -6.73 -5.49 9.71
C ALA A 21 -7.97 -6.29 10.09
N LEU A 22 -9.03 -6.07 9.33
CA LEU A 22 -10.19 -6.91 9.41
C LEU A 22 -10.23 -7.78 8.16
N LYS A 23 -11.07 -8.81 8.18
CA LYS A 23 -11.26 -9.69 7.02
C LYS A 23 -11.50 -8.91 5.73
N LYS A 24 -10.75 -9.25 4.68
CA LYS A 24 -10.99 -8.69 3.35
C LYS A 24 -12.27 -9.29 2.82
N VAL A 25 -13.08 -8.48 2.14
CA VAL A 25 -14.32 -8.99 1.55
C VAL A 25 -14.34 -8.68 0.08
N ARG A 26 -14.63 -9.69 -0.72
CA ARG A 26 -14.79 -9.46 -2.15
C ARG A 26 -16.16 -8.89 -2.45
N ILE A 27 -16.17 -7.86 -3.27
CA ILE A 27 -17.38 -7.17 -3.61
C ILE A 27 -17.63 -7.31 -5.10
N PHE A 28 -16.54 -7.35 -5.86
CA PHE A 28 -16.60 -7.55 -7.31
C PHE A 28 -15.58 -8.60 -7.81
N ASP A 29 -15.93 -9.30 -8.88
CA ASP A 29 -14.98 -10.17 -9.57
C ASP A 29 -13.80 -9.35 -10.12
N SER A 30 -12.63 -9.95 -10.12
CA SER A 30 -11.41 -9.29 -10.58
C SER A 30 -11.56 -8.85 -12.02
N PRO A 31 -11.10 -7.63 -12.34
CA PRO A 31 -11.16 -7.23 -13.75
C PRO A 31 -10.19 -8.01 -14.64
N GLU A 32 -10.49 -8.00 -15.93
CA GLU A 32 -9.65 -8.64 -16.93
C GLU A 32 -8.38 -7.82 -17.12
N GLU A 33 -8.47 -6.53 -16.82
CA GLU A 33 -7.36 -5.59 -16.97
C GLU A 33 -7.39 -4.57 -15.84
N LEU A 34 -6.23 -4.01 -15.52
CA LEU A 34 -6.12 -3.07 -14.42
C LEU A 34 -6.76 -1.74 -14.79
N PRO A 35 -7.69 -1.28 -13.96
CA PRO A 35 -8.34 0.02 -14.16
C PRO A 35 -7.27 1.08 -14.10
N LYS A 36 -7.37 2.11 -14.94
CA LYS A 36 -6.29 3.07 -15.05
C LYS A 36 -6.73 4.53 -14.79
N GLU A 37 -8.02 4.76 -14.85
CA GLU A 37 -8.57 6.10 -14.79
C GLU A 37 -8.65 6.52 -13.35
N ARG A 38 -8.49 7.83 -13.13
CA ARG A 38 -8.85 8.41 -11.84
C ARG A 38 -10.25 7.91 -11.44
N SER A 39 -10.39 7.37 -10.25
CA SER A 39 -11.71 6.97 -9.81
C SER A 39 -11.87 7.24 -8.34
N SER A 40 -13.11 7.37 -7.88
CA SER A 40 -13.39 7.33 -6.45
C SER A 40 -14.67 6.56 -6.29
N LEU A 41 -14.55 5.29 -5.91
CA LEU A 41 -15.69 4.37 -5.98
C LEU A 41 -16.15 3.85 -4.64
N LEU A 42 -15.83 4.54 -3.54
CA LEU A 42 -16.29 4.08 -2.25
C LEU A 42 -16.87 5.23 -1.45
N ALA A 43 -18.04 5.01 -0.83
CA ALA A 43 -18.70 6.06 -0.06
C ALA A 43 -19.24 5.52 1.25
N VAL A 44 -19.18 6.32 2.30
CA VAL A 44 -19.76 5.87 3.55
C VAL A 44 -20.75 6.86 4.10
N SER A 45 -21.91 6.34 4.48
CA SER A 45 -22.85 7.11 5.26
C SER A 45 -22.60 6.78 6.71
N ASN A 46 -22.06 7.73 7.45
CA ASN A 46 -21.89 7.53 8.89
C ASN A 46 -23.19 7.85 9.63
N LYS A 47 -24.19 8.33 8.89
CA LYS A 47 -25.45 8.70 9.50
C LYS A 47 -26.37 7.50 9.49
N TYR A 48 -26.46 6.85 8.34
CA TYR A 48 -27.37 5.72 8.16
C TYR A 48 -26.64 4.38 8.18
N GLY A 49 -25.33 4.44 8.41
CA GLY A 49 -24.47 3.27 8.53
C GLY A 49 -24.39 2.44 7.27
N LEU A 50 -24.15 3.10 6.14
CA LEU A 50 -24.09 2.41 4.86
C LEU A 50 -22.74 2.59 4.14
N VAL A 51 -22.34 1.56 3.40
CA VAL A 51 -21.23 1.67 2.47
C VAL A 51 -21.79 1.50 1.06
N PHE A 52 -21.32 2.36 0.15
CA PHE A 52 -21.72 2.45 -1.26
C PHE A 52 -20.47 2.22 -2.11
N ALA A 53 -20.45 1.13 -2.88
CA ALA A 53 -19.30 0.81 -3.77
C ALA A 53 -19.75 0.59 -5.20
N GLY A 54 -19.07 1.19 -6.15
CA GLY A 54 -19.49 1.16 -7.53
C GLY A 54 -18.43 0.66 -8.48
N GLY A 55 -18.79 0.35 -9.70
CA GLY A 55 -17.82 -0.12 -10.65
C GLY A 55 -18.41 -0.32 -12.02
N ALA A 56 -17.93 -1.32 -12.73
CA ALA A 56 -18.56 -1.70 -13.97
C ALA A 56 -19.62 -2.71 -13.72
N SER A 57 -19.66 -3.18 -12.49
CA SER A 57 -20.54 -4.25 -12.13
C SER A 57 -21.79 -3.77 -11.49
N GLY A 58 -22.10 -2.49 -11.60
CA GLY A 58 -23.28 -1.93 -10.98
C GLY A 58 -23.01 -1.22 -9.69
N LEU A 59 -24.05 -0.83 -8.98
CA LEU A 59 -23.84 -0.16 -7.70
C LEU A 59 -24.30 -1.02 -6.55
N GLN A 60 -23.42 -1.18 -5.57
CA GLN A 60 -23.75 -2.00 -4.42
C GLN A 60 -23.81 -1.20 -3.14
N ILE A 61 -24.86 -1.45 -2.37
CA ILE A 61 -25.08 -0.74 -1.11
C ILE A 61 -25.10 -1.77 -0.02
N PHE A 62 -24.20 -1.63 0.95
CA PHE A 62 -24.14 -2.57 2.08
C PHE A 62 -24.46 -1.92 3.42
N PRO A 63 -25.09 -2.67 4.35
CA PRO A 63 -25.04 -2.21 5.73
C PRO A 63 -23.60 -2.36 6.21
N THR A 64 -23.00 -1.26 6.65
CA THR A 64 -21.60 -1.24 7.05
C THR A 64 -21.23 -2.38 8.00
N LYS A 65 -22.14 -2.75 8.90
CA LYS A 65 -22.00 -3.94 9.79
C LYS A 65 -21.55 -5.17 9.03
N ASN A 66 -22.27 -5.49 7.97
CA ASN A 66 -21.97 -6.67 7.16
C ASN A 66 -20.56 -6.76 6.60
N LEU A 67 -19.87 -5.63 6.53
CA LEU A 67 -18.55 -5.59 5.90
C LEU A 67 -17.43 -5.61 6.92
N LEU A 68 -17.76 -5.34 8.18
CA LEU A 68 -16.74 -5.27 9.22
C LEU A 68 -16.66 -6.55 10.03
N ILE A 69 -15.79 -7.46 9.59
CA ILE A 69 -15.60 -8.73 10.28
C ILE A 69 -14.17 -8.88 10.75
N GLN A 70 -14.00 -9.25 12.01
CA GLN A 70 -12.70 -9.47 12.57
C GLN A 70 -12.31 -10.90 12.46
N ASN A 71 -11.04 -11.17 12.20
CA ASN A 71 -10.58 -12.52 12.13
C ASN A 71 -10.17 -13.00 13.51
N LYS A 72 -10.57 -14.21 13.87
CA LYS A 72 -10.21 -14.78 15.15
C LYS A 72 -8.85 -15.45 15.09
N PRO A 73 -8.18 -15.64 16.22
CA PRO A 73 -6.95 -16.44 16.16
C PRO A 73 -7.20 -17.77 15.44
N GLY A 74 -6.29 -18.14 14.55
CA GLY A 74 -6.46 -19.33 13.73
C GLY A 74 -6.88 -18.99 12.32
N ASP A 75 -7.52 -17.82 12.18
CA ASP A 75 -8.03 -17.35 10.90
C ASP A 75 -6.90 -16.90 9.97
N ASP A 76 -6.89 -17.41 8.75
CA ASP A 76 -5.84 -17.06 7.83
C ASP A 76 -6.11 -15.63 7.43
N PRO A 77 -5.21 -14.74 7.81
CA PRO A 77 -5.44 -13.32 7.59
C PRO A 77 -5.58 -13.02 6.12
N ASN A 78 -5.05 -13.90 5.29
CA ASN A 78 -5.01 -13.66 3.88
C ASN A 78 -6.25 -14.17 3.16
N LYS A 79 -7.09 -14.92 3.88
CA LYS A 79 -8.37 -15.37 3.32
C LYS A 79 -9.26 -14.17 3.00
N ILE A 80 -9.96 -14.28 1.88
CA ILE A 80 -10.88 -13.25 1.39
C ILE A 80 -12.31 -13.73 1.48
N VAL A 81 -13.10 -13.14 2.37
CA VAL A 81 -14.50 -13.55 2.54
C VAL A 81 -15.26 -13.47 1.22
N ASP A 82 -16.08 -14.49 0.96
CA ASP A 82 -16.59 -14.80 -0.37
C ASP A 82 -17.54 -13.77 -0.94
N LYS A 83 -18.49 -13.30 -0.12
CA LYS A 83 -19.47 -12.28 -0.49
C LYS A 83 -20.27 -11.96 0.73
N VAL A 84 -20.84 -10.75 0.74
CA VAL A 84 -21.64 -10.30 1.86
C VAL A 84 -22.99 -9.79 1.35
N GLN A 85 -24.04 -9.99 2.14
CA GLN A 85 -25.38 -9.49 1.80
C GLN A 85 -25.46 -7.96 1.62
N GLY A 86 -25.92 -7.53 0.44
CA GLY A 86 -26.20 -6.13 0.19
C GLY A 86 -27.26 -5.96 -0.89
N LEU A 87 -27.57 -4.72 -1.23
CA LEU A 87 -28.49 -4.44 -2.31
C LEU A 87 -27.69 -4.24 -3.60
N LEU A 88 -28.17 -4.82 -4.71
CA LEU A 88 -27.61 -4.51 -6.01
C LEU A 88 -28.53 -3.60 -6.82
N VAL A 89 -28.01 -2.43 -7.15
CA VAL A 89 -28.73 -1.49 -7.97
C VAL A 89 -28.05 -1.47 -9.32
N PRO A 90 -28.64 -2.15 -10.31
CA PRO A 90 -28.05 -2.26 -11.65
C PRO A 90 -27.90 -0.90 -12.33
N MET A 91 -26.76 -0.71 -12.95
CA MET A 91 -26.42 0.52 -13.65
C MET A 91 -26.11 0.20 -15.12
N LYS A 92 -26.66 1.01 -16.02
CA LYS A 92 -26.36 0.87 -17.46
C LYS A 92 -24.87 1.00 -17.82
N PHE A 93 -24.15 1.90 -17.18
CA PHE A 93 -22.75 2.13 -17.55
C PHE A 93 -21.84 2.08 -16.36
N PRO A 94 -20.53 1.89 -16.62
CA PRO A 94 -19.59 1.86 -15.51
C PRO A 94 -19.54 3.21 -14.77
N ILE A 95 -19.76 3.11 -13.46
CA ILE A 95 -19.52 4.19 -12.50
C ILE A 95 -18.00 4.40 -12.30
N HIS A 96 -17.52 5.64 -12.47
CA HIS A 96 -16.15 5.96 -12.01
C HIS A 96 -16.06 6.79 -10.71
N HIS A 97 -17.16 7.46 -10.35
CA HIS A 97 -17.16 8.29 -9.15
C HIS A 97 -18.45 8.22 -8.33
N LEU A 98 -18.32 8.08 -7.02
CA LEU A 98 -19.44 8.10 -6.09
C LEU A 98 -19.18 9.18 -5.05
N ALA A 99 -20.21 9.89 -4.62
CA ALA A 99 -20.08 10.82 -3.49
C ALA A 99 -21.40 11.15 -2.83
N LEU A 100 -21.37 11.32 -1.51
CA LEU A 100 -22.54 11.79 -0.76
C LEU A 100 -22.61 13.33 -0.56
N SER A 101 -23.83 13.85 -0.45
CA SER A 101 -24.10 15.11 0.25
C SER A 101 -23.80 14.93 1.77
N CYS A 102 -23.74 16.06 2.48
CA CYS A 102 -23.26 16.13 3.84
C CYS A 102 -24.31 15.64 4.82
N ASP A 103 -25.58 15.78 4.42
CA ASP A 103 -26.69 15.26 5.18
C ASP A 103 -27.03 13.81 4.81
N ASN A 104 -26.13 13.17 4.05
CA ASN A 104 -26.25 11.78 3.61
C ASN A 104 -27.54 11.42 2.90
N LEU A 105 -28.21 12.38 2.30
CA LEU A 105 -29.49 12.05 1.70
C LEU A 105 -29.43 11.92 0.20
N THR A 106 -28.33 12.35 -0.40
CA THR A 106 -28.18 12.28 -1.83
C THR A 106 -26.91 11.59 -2.26
N LEU A 107 -27.03 10.56 -3.09
CA LEU A 107 -25.85 9.93 -3.67
C LEU A 107 -25.69 10.25 -5.16
N SER A 108 -24.48 10.65 -5.53
CA SER A 108 -24.18 10.91 -6.92
C SER A 108 -23.26 9.84 -7.50
N ALA A 109 -23.65 9.31 -8.66
CA ALA A 109 -22.88 8.31 -9.39
C ALA A 109 -22.45 8.81 -10.77
N CYS A 110 -21.15 9.01 -10.99
CA CYS A 110 -20.68 9.42 -12.32
C CYS A 110 -20.42 8.24 -13.23
N MET A 111 -21.17 8.19 -14.33
CA MET A 111 -21.01 7.14 -15.33
C MET A 111 -20.44 7.67 -16.61
N MET A 112 -19.65 6.83 -17.25
CA MET A 112 -19.17 7.12 -18.56
C MET A 112 -19.83 6.17 -19.55
N SER A 113 -20.37 6.72 -20.64
CA SER A 113 -21.15 5.96 -21.61
C SER A 113 -20.81 6.33 -23.03
N SER A 114 -20.50 5.34 -23.85
CA SER A 114 -20.00 5.64 -25.21
C SER A 114 -21.00 6.35 -26.11
N GLU A 115 -22.28 6.07 -25.92
CA GLU A 115 -23.31 6.71 -26.73
C GLU A 115 -23.68 8.09 -26.18
N TYR A 116 -23.97 8.17 -24.89
CA TYR A 116 -24.49 9.42 -24.33
C TYR A 116 -23.40 10.41 -23.88
N GLY A 117 -22.32 9.88 -23.34
CA GLY A 117 -21.26 10.71 -22.78
C GLY A 117 -21.15 10.35 -21.32
N SER A 118 -20.61 11.28 -20.52
CA SER A 118 -20.56 11.07 -19.09
C SER A 118 -21.73 11.79 -18.48
N ILE A 119 -22.27 11.20 -17.42
CA ILE A 119 -23.50 11.69 -16.85
C ILE A 119 -23.61 11.30 -15.38
N ILE A 120 -24.19 12.19 -14.57
CA ILE A 120 -24.35 11.94 -13.17
C ILE A 120 -25.79 11.57 -12.84
N ALA A 121 -25.93 10.40 -12.23
CA ALA A 121 -27.20 9.94 -11.65
C ALA A 121 -27.22 10.45 -10.23
N PHE A 122 -28.30 11.12 -9.83
CA PHE A 122 -28.47 11.49 -8.42
C PHE A 122 -29.55 10.61 -7.79
N PHE A 123 -29.20 9.94 -6.68
CA PHE A 123 -30.13 9.06 -5.93
C PHE A 123 -30.49 9.65 -4.59
N ASP A 124 -31.73 9.43 -4.19
CA ASP A 124 -32.15 9.74 -2.85
C ASP A 124 -31.80 8.50 -2.06
N VAL A 125 -30.87 8.65 -1.14
CA VAL A 125 -30.36 7.52 -0.42
C VAL A 125 -31.52 6.80 0.24
N ARG A 126 -32.57 7.51 0.62
CA ARG A 126 -33.65 6.82 1.35
C ARG A 126 -34.32 5.69 0.56
N THR A 127 -34.19 5.71 -0.78
CA THR A 127 -34.80 4.69 -1.65
C THR A 127 -34.24 3.31 -1.43
N PHE A 128 -32.94 3.24 -1.19
CA PHE A 128 -32.27 1.97 -0.98
C PHE A 128 -32.84 1.22 0.22
N SER A 129 -33.68 1.89 0.99
CA SER A 129 -34.32 1.30 2.16
C SER A 129 -35.46 0.29 1.85
N ASN A 130 -35.95 0.28 0.61
CA ASN A 130 -37.10 -0.57 0.22
C ASN A 130 -36.73 -1.93 -0.44
N GLU A 131 -37.73 -2.83 -0.51
CA GLU A 131 -37.62 -4.12 -1.21
C GLU A 131 -37.96 -3.96 -2.69
N ALA A 132 -37.48 -4.90 -3.52
CA ALA A 132 -37.69 -4.91 -4.99
C ALA A 132 -38.09 -3.57 -5.63
N GLN A 135 -39.42 0.68 -7.90
CA GLN A 135 -38.10 0.74 -8.51
C GLN A 135 -37.15 1.61 -7.70
N LYS A 136 -35.89 1.57 -8.03
CA LYS A 136 -34.91 2.32 -7.31
C LYS A 136 -34.25 3.17 -8.30
N ARG A 137 -34.96 4.18 -8.72
CA ARG A 137 -34.50 5.05 -9.76
C ARG A 137 -33.87 6.22 -9.13
N PRO A 138 -32.88 6.79 -9.78
CA PRO A 138 -32.48 8.12 -9.37
C PRO A 138 -33.61 9.13 -9.63
N PHE A 139 -33.47 10.36 -9.12
CA PHE A 139 -34.50 11.38 -9.27
C PHE A 139 -34.10 12.45 -10.25
N ALA A 140 -32.80 12.62 -10.45
CA ALA A 140 -32.28 13.51 -11.50
C ALA A 140 -31.09 12.87 -12.21
N TYR A 141 -30.95 13.23 -13.48
CA TYR A 141 -29.75 12.93 -14.26
C TYR A 141 -29.18 14.24 -14.73
N HIS A 142 -27.87 14.36 -14.68
CA HIS A 142 -27.15 15.47 -15.24
C HIS A 142 -26.13 14.96 -16.24
N LYS A 143 -26.16 15.47 -17.47
CA LYS A 143 -25.17 15.00 -18.44
C LYS A 143 -24.00 15.97 -18.59
N LEU A 144 -22.88 15.65 -17.94
CA LEU A 144 -21.67 16.47 -17.98
C LEU A 144 -20.96 16.62 -19.34
N LEU A 145 -20.85 15.52 -20.09
CA LEU A 145 -20.15 15.54 -21.37
C LEU A 145 -20.42 14.33 -22.28
N LYS A 146 -20.06 14.47 -23.55
CA LYS A 146 -20.16 13.37 -24.51
C LYS A 146 -18.79 12.80 -24.93
N ASP A 147 -17.73 13.29 -24.31
CA ASP A 147 -16.41 12.91 -24.64
C ASP A 147 -15.73 12.27 -23.46
N ALA A 148 -14.58 11.66 -23.70
CA ALA A 148 -13.69 11.20 -22.62
C ALA A 148 -13.27 12.43 -21.81
N GLY A 149 -13.53 13.61 -22.37
CA GLY A 149 -13.34 14.89 -21.68
C GLY A 149 -14.31 15.06 -20.52
N GLY A 150 -15.50 14.49 -20.67
CA GLY A 150 -16.52 14.59 -19.65
C GLY A 150 -16.22 13.69 -18.50
N MET A 151 -15.11 12.97 -18.57
CA MET A 151 -14.70 12.14 -17.44
C MET A 151 -14.59 12.98 -16.17
N VAL A 152 -15.25 12.56 -15.09
CA VAL A 152 -15.21 13.31 -13.85
C VAL A 152 -13.95 12.94 -13.07
N ILE A 153 -13.08 13.92 -12.81
CA ILE A 153 -11.86 13.60 -12.07
C ILE A 153 -11.95 13.94 -10.58
N ASP A 154 -12.73 14.96 -10.24
CA ASP A 154 -12.94 15.33 -8.83
C ASP A 154 -14.38 15.78 -8.59
N MET A 155 -15.02 15.28 -7.54
CA MET A 155 -16.34 15.72 -7.15
C MET A 155 -16.58 15.65 -5.67
N LYS A 156 -16.81 16.78 -5.03
CA LYS A 156 -17.10 16.83 -3.60
C LYS A 156 -18.34 17.64 -3.31
N TRP A 157 -19.15 17.15 -2.39
CA TRP A 157 -20.31 17.90 -1.96
C TRP A 157 -19.95 18.87 -0.84
N ASN A 158 -20.69 19.97 -0.74
CA ASN A 158 -20.44 20.97 0.28
C ASN A 158 -20.68 20.40 1.70
N PRO A 159 -19.71 20.61 2.61
CA PRO A 159 -19.75 20.01 3.96
C PRO A 159 -20.90 20.51 4.83
N THR A 160 -21.42 21.70 4.50
CA THR A 160 -22.48 22.35 5.28
C THR A 160 -23.71 22.68 4.42
N VAL A 161 -23.58 22.52 3.11
CA VAL A 161 -24.70 22.83 2.21
C VAL A 161 -25.14 21.60 1.39
N PRO A 162 -26.08 20.81 1.96
CA PRO A 162 -26.53 19.57 1.33
C PRO A 162 -26.75 19.65 -0.19
N SER A 163 -27.42 20.69 -0.69
CA SER A 163 -27.84 20.67 -2.09
C SER A 163 -26.72 21.02 -3.13
N MET A 164 -25.55 21.37 -2.62
CA MET A 164 -24.52 21.92 -3.47
C MET A 164 -23.26 21.03 -3.56
N VAL A 165 -22.75 20.92 -4.78
CA VAL A 165 -21.64 20.05 -5.13
C VAL A 165 -20.82 20.64 -6.31
N ALA A 166 -19.51 20.47 -6.21
CA ALA A 166 -18.56 20.89 -7.22
C ALA A 166 -18.05 19.68 -8.00
N VAL A 167 -18.04 19.83 -9.32
CA VAL A 167 -17.72 18.76 -10.25
C VAL A 167 -16.60 19.28 -11.12
N CYS A 168 -15.65 18.41 -11.39
CA CYS A 168 -14.44 18.78 -12.07
C CYS A 168 -14.14 17.75 -13.16
N LEU A 169 -14.04 18.22 -14.40
CA LEU A 169 -13.95 17.32 -15.57
C LEU A 169 -12.54 17.13 -16.09
N ALA A 170 -12.35 16.06 -16.87
CA ALA A 170 -11.06 15.79 -17.53
C ALA A 170 -10.60 16.94 -18.46
N ASP A 171 -11.53 17.59 -19.14
CA ASP A 171 -11.14 18.71 -20.01
C ASP A 171 -10.62 19.93 -19.24
N GLY A 172 -10.81 19.95 -17.92
CA GLY A 172 -10.23 21.00 -17.09
C GLY A 172 -11.21 22.11 -16.75
N SER A 173 -12.49 21.81 -16.91
CA SER A 173 -13.58 22.70 -16.61
C SER A 173 -14.25 22.27 -15.30
N ILE A 174 -14.97 23.20 -14.68
CA ILE A 174 -15.62 22.91 -13.43
C ILE A 174 -17.05 23.41 -13.52
N ALA A 175 -17.92 22.85 -12.70
CA ALA A 175 -19.22 23.41 -12.51
C ALA A 175 -19.61 23.22 -11.05
N VAL A 176 -20.27 24.23 -10.51
CA VAL A 176 -20.92 24.10 -9.21
C VAL A 176 -22.40 23.87 -9.47
N LEU A 177 -23.00 22.90 -8.76
CA LEU A 177 -24.36 22.48 -9.02
C LEU A 177 -25.19 22.53 -7.78
N GLN A 178 -26.50 22.72 -7.95
CA GLN A 178 -27.43 22.65 -6.83
C GLN A 178 -28.49 21.63 -7.16
N VAL A 179 -28.69 20.66 -6.28
CA VAL A 179 -29.71 19.63 -6.52
C VAL A 179 -30.82 19.66 -5.48
N THR A 180 -32.06 19.75 -5.95
CA THR A 180 -33.22 19.75 -5.06
C THR A 180 -34.35 18.87 -5.59
N GLU A 181 -34.92 19.30 -6.71
CA GLU A 181 -36.02 18.61 -7.34
C GLU A 181 -35.41 18.28 -8.69
N THR A 182 -34.35 19.02 -8.99
CA THR A 182 -33.68 18.95 -10.27
C THR A 182 -32.24 19.45 -10.10
N VAL A 183 -31.44 19.27 -11.13
CA VAL A 183 -30.08 19.74 -11.10
C VAL A 183 -30.06 21.15 -11.67
N LYS A 184 -29.53 22.08 -10.90
CA LYS A 184 -29.40 23.45 -11.31
C LYS A 184 -27.91 23.71 -11.44
N VAL A 185 -27.50 24.27 -12.58
CA VAL A 185 -26.09 24.62 -12.77
C VAL A 185 -25.90 26.08 -12.36
N CYS A 186 -25.22 26.29 -11.24
CA CYS A 186 -25.06 27.61 -10.62
C CYS A 186 -23.95 28.38 -11.23
N ALA A 187 -22.81 27.72 -11.42
CA ALA A 187 -21.66 28.39 -11.99
C ALA A 187 -20.75 27.34 -12.58
N THR A 188 -20.27 27.62 -13.78
CA THR A 188 -19.26 26.81 -14.45
C THR A 188 -18.02 27.66 -14.73
N LEU A 189 -16.94 27.00 -15.06
CA LEU A 189 -15.75 27.64 -15.56
C LEU A 189 -15.22 26.82 -16.70
N PRO A 190 -14.80 27.46 -17.81
CA PRO A 190 -14.45 26.72 -19.01
C PRO A 190 -13.11 25.97 -18.89
N SER A 191 -12.96 24.97 -19.76
CA SER A 191 -11.79 24.10 -19.78
C SER A 191 -10.46 24.82 -19.88
N THR A 192 -10.45 26.02 -20.48
CA THR A 192 -9.23 26.82 -20.65
C THR A 192 -8.65 27.20 -19.30
N VAL A 193 -9.51 27.26 -18.29
CA VAL A 193 -9.09 27.55 -16.93
C VAL A 193 -8.13 26.46 -16.48
N ALA A 194 -8.32 25.26 -16.96
CA ALA A 194 -7.50 24.14 -16.56
C ALA A 194 -7.54 23.79 -15.11
N VAL A 195 -8.72 23.66 -14.59
CA VAL A 195 -8.87 23.12 -13.25
C VAL A 195 -8.61 21.61 -13.23
N THR A 196 -7.80 21.15 -12.27
CA THR A 196 -7.50 19.72 -12.11
C THR A 196 -8.04 19.09 -10.84
N SER A 197 -8.59 19.87 -9.91
CA SER A 197 -9.04 19.34 -8.62
C SER A 197 -9.83 20.37 -7.84
N VAL A 198 -10.64 19.91 -6.89
CA VAL A 198 -11.50 20.79 -6.09
C VAL A 198 -11.53 20.32 -4.64
N CYS A 199 -11.75 21.24 -3.73
CA CYS A 199 -12.01 20.95 -2.33
C CYS A 199 -12.77 22.10 -1.66
N TRP A 200 -13.80 21.78 -0.89
CA TRP A 200 -14.50 22.78 -0.09
C TRP A 200 -13.73 23.18 1.16
N SER A 201 -13.89 24.44 1.57
CA SER A 201 -13.40 24.91 2.86
C SER A 201 -14.20 24.22 3.94
N PRO A 202 -13.58 24.04 5.12
CA PRO A 202 -14.16 23.30 6.25
C PRO A 202 -15.62 23.67 6.52
N LYS A 203 -15.93 24.96 6.40
CA LYS A 203 -17.27 25.47 6.64
C LYS A 203 -18.13 25.56 5.37
N GLY A 204 -17.54 25.27 4.23
CA GLY A 204 -18.26 25.26 2.96
C GLY A 204 -18.60 26.65 2.43
N LYS A 205 -17.79 27.63 2.82
CA LYS A 205 -18.05 29.02 2.47
C LYS A 205 -17.32 29.39 1.21
N GLN A 206 -16.21 28.70 0.95
CA GLN A 206 -15.43 28.88 -0.25
C GLN A 206 -15.10 27.53 -0.86
N LEU A 207 -14.61 27.58 -2.09
CA LEU A 207 -14.24 26.39 -2.85
C LEU A 207 -12.81 26.58 -3.30
N ALA A 208 -12.00 25.54 -3.16
CA ALA A 208 -10.63 25.61 -3.65
C ALA A 208 -10.51 24.79 -4.90
N VAL A 209 -9.86 25.36 -5.91
CA VAL A 209 -9.61 24.59 -7.12
C VAL A 209 -8.14 24.54 -7.41
N GLY A 210 -7.66 23.35 -7.72
CA GLY A 210 -6.29 23.14 -8.12
C GLY A 210 -6.19 23.27 -9.61
N LYS A 211 -5.15 23.95 -10.07
CA LYS A 211 -5.04 24.26 -11.48
C LYS A 211 -3.84 23.58 -12.15
N GLN A 212 -3.91 23.49 -13.47
CA GLN A 212 -2.84 22.90 -14.28
C GLN A 212 -1.53 23.66 -14.11
N ASN A 213 -1.59 24.90 -13.63
CA ASN A 213 -0.38 25.71 -13.45
C ASN A 213 0.14 25.62 -12.02
N GLY A 214 -0.36 24.65 -11.26
CA GLY A 214 0.19 24.39 -9.94
C GLY A 214 -0.21 25.39 -8.88
N THR A 215 -1.09 26.32 -9.23
CA THR A 215 -1.68 27.19 -8.20
C THR A 215 -2.97 26.59 -7.65
N VAL A 216 -3.44 27.13 -6.54
CA VAL A 216 -4.76 26.83 -6.01
C VAL A 216 -5.50 28.17 -5.83
N VAL A 217 -6.71 28.26 -6.35
CA VAL A 217 -7.44 29.53 -6.31
C VAL A 217 -8.67 29.32 -5.48
N GLN A 218 -8.82 30.15 -4.45
CA GLN A 218 -9.98 30.04 -3.58
C GLN A 218 -11.08 30.90 -4.18
N TYR A 219 -12.22 30.27 -4.38
CA TYR A 219 -13.38 30.90 -4.96
C TYR A 219 -14.50 30.87 -3.92
N LEU A 220 -15.42 31.82 -4.02
CA LEU A 220 -16.72 31.72 -3.35
C LEU A 220 -17.56 30.79 -4.20
N PRO A 221 -18.59 30.16 -3.61
CA PRO A 221 -19.40 29.25 -4.41
C PRO A 221 -19.94 29.89 -5.69
N THR A 222 -20.07 31.20 -5.71
CA THR A 222 -20.56 31.91 -6.89
C THR A 222 -19.47 31.94 -7.93
N LEU A 223 -18.31 31.47 -7.53
CA LEU A 223 -17.13 31.48 -8.34
C LEU A 223 -16.49 32.82 -8.55
N GLN A 224 -16.64 33.67 -7.56
CA GLN A 224 -15.86 34.90 -7.46
C GLN A 224 -14.54 34.65 -6.72
N GLU A 225 -13.44 34.96 -7.38
CA GLU A 225 -12.11 34.67 -6.90
C GLU A 225 -11.75 35.45 -5.67
N LYS A 226 -11.35 34.74 -4.65
CA LYS A 226 -11.01 35.30 -3.36
C LYS A 226 -9.52 35.33 -3.05
N LYS A 227 -8.83 34.23 -3.31
CA LYS A 227 -7.41 34.12 -3.03
C LYS A 227 -6.67 33.23 -3.99
N VAL A 228 -5.38 33.48 -4.20
CA VAL A 228 -4.54 32.59 -5.00
C VAL A 228 -3.34 32.07 -4.18
N ILE A 229 -3.16 30.76 -4.19
CA ILE A 229 -2.06 30.15 -3.47
C ILE A 229 -1.03 29.83 -4.51
N PRO A 230 0.16 30.41 -4.37
CA PRO A 230 1.18 30.34 -5.42
C PRO A 230 1.73 28.94 -5.56
N CYS A 231 2.20 28.64 -6.77
CA CYS A 231 2.90 27.38 -6.99
C CYS A 231 4.23 27.47 -6.28
N PRO A 232 4.48 26.56 -5.31
CA PRO A 232 5.63 26.71 -4.41
C PRO A 232 6.91 27.15 -5.14
N PRO A 233 7.75 27.94 -4.46
CA PRO A 233 8.87 28.62 -5.12
C PRO A 233 9.97 27.64 -5.55
N PHE A 234 10.00 26.46 -4.91
CA PHE A 234 11.02 25.46 -5.17
C PHE A 234 10.73 24.53 -6.34
N TYR A 235 9.76 24.87 -7.17
CA TYR A 235 9.52 24.09 -8.39
C TYR A 235 10.07 24.83 -9.59
N GLU A 236 11.15 24.33 -10.16
CA GLU A 236 11.81 25.02 -11.24
C GLU A 236 10.93 25.01 -12.48
N SER A 237 11.03 26.03 -13.31
CA SER A 237 10.18 26.10 -14.48
C SER A 237 10.48 24.84 -15.29
N ASP A 238 11.74 24.46 -15.27
CA ASP A 238 12.28 23.34 -16.05
C ASP A 238 11.49 22.06 -15.81
N HIS A 239 10.96 21.98 -14.59
CA HIS A 239 10.12 20.88 -14.16
C HIS A 239 8.82 21.47 -13.57
N PRO A 240 7.81 21.68 -14.45
CA PRO A 240 6.53 22.25 -14.04
C PRO A 240 5.67 21.23 -13.31
N VAL A 241 4.82 21.71 -12.41
CA VAL A 241 3.86 20.82 -11.74
C VAL A 241 2.42 21.31 -11.86
N ARG A 242 1.49 20.38 -11.88
CA ARG A 242 0.09 20.69 -11.76
C ARG A 242 -0.36 20.26 -10.39
N VAL A 243 -1.47 20.81 -9.92
CA VAL A 243 -2.07 20.32 -8.69
C VAL A 243 -2.79 19.04 -9.05
N LEU A 244 -2.54 17.99 -8.29
CA LEU A 244 -3.18 16.73 -8.56
C LEU A 244 -4.47 16.57 -7.72
N ASP A 245 -4.35 16.92 -6.45
CA ASP A 245 -5.39 16.75 -5.43
C ASP A 245 -5.14 17.76 -4.33
N VAL A 246 -6.19 18.25 -3.72
CA VAL A 246 -6.05 19.25 -2.70
C VAL A 246 -7.03 18.98 -1.57
N LEU A 247 -6.57 19.19 -0.34
CA LEU A 247 -7.42 19.09 0.84
C LEU A 247 -7.30 20.35 1.67
N TRP A 248 -8.42 21.04 1.86
CA TRP A 248 -8.49 22.28 2.60
C TRP A 248 -8.83 21.91 4.04
N ILE A 249 -7.81 21.88 4.89
CA ILE A 249 -7.85 21.29 6.22
C ILE A 249 -8.29 22.27 7.29
N GLY A 250 -7.66 23.44 7.29
CA GLY A 250 -8.07 24.55 8.12
C GLY A 250 -7.96 25.76 7.25
N THR A 251 -8.51 26.88 7.71
CA THR A 251 -8.56 28.11 6.93
C THR A 251 -7.27 28.44 6.16
N TYR A 252 -6.17 28.39 6.87
CA TYR A 252 -4.89 28.80 6.33
C TYR A 252 -4.00 27.59 6.10
N VAL A 253 -4.59 26.40 6.24
CA VAL A 253 -3.83 25.15 6.14
C VAL A 253 -4.37 24.19 5.06
N PHE A 254 -3.48 23.85 4.13
CA PHE A 254 -3.79 22.95 3.00
C PHE A 254 -2.86 21.76 2.93
N ALA A 255 -3.35 20.66 2.34
CA ALA A 255 -2.46 19.62 1.79
C ALA A 255 -2.64 19.70 0.29
N ILE A 256 -1.63 20.19 -0.41
CA ILE A 256 -1.73 20.27 -1.85
C ILE A 256 -0.79 19.25 -2.47
N VAL A 257 -1.34 18.31 -3.22
CA VAL A 257 -0.51 17.38 -3.95
C VAL A 257 -0.14 17.91 -5.35
N TYR A 258 1.15 17.84 -5.65
CA TYR A 258 1.70 18.31 -6.91
C TYR A 258 2.22 17.14 -7.72
N ALA A 259 2.04 17.20 -9.03
CA ALA A 259 2.52 16.14 -9.90
C ALA A 259 2.96 16.77 -11.21
N ALA A 260 3.63 16.02 -12.07
CA ALA A 260 4.19 16.54 -13.32
C ALA A 260 3.11 17.14 -14.22
N ALA A 261 3.32 18.38 -14.63
CA ALA A 261 2.32 19.12 -15.40
C ALA A 261 1.91 18.40 -16.68
N ASP A 262 2.92 17.97 -17.44
CA ASP A 262 2.75 17.23 -18.69
C ASP A 262 1.89 15.98 -18.56
N GLY A 263 1.62 15.57 -17.33
CA GLY A 263 0.74 14.43 -17.05
C GLY A 263 1.45 13.10 -17.01
N THR A 264 2.76 13.11 -17.22
CA THR A 264 3.62 11.93 -17.04
C THR A 264 3.27 11.15 -15.77
N LEU A 265 3.35 9.82 -15.86
CA LEU A 265 3.03 8.95 -14.74
C LEU A 265 4.29 8.48 -14.03
N GLU A 266 5.40 8.44 -14.77
CA GLU A 266 6.72 8.00 -14.25
C GLU A 266 7.16 8.79 -13.04
N THR A 267 6.85 10.09 -13.04
CA THR A 267 7.18 10.95 -11.91
C THR A 267 6.18 10.72 -10.79
N SER A 268 6.69 10.58 -9.58
CA SER A 268 5.76 10.43 -8.49
C SER A 268 5.47 11.80 -7.90
N PRO A 269 4.19 12.06 -7.64
CA PRO A 269 3.71 13.32 -7.07
C PRO A 269 4.10 13.53 -5.62
N ASP A 270 4.25 14.80 -5.24
CA ASP A 270 4.63 15.20 -3.88
C ASP A 270 3.41 15.63 -3.08
N VAL A 271 3.32 15.23 -1.82
CA VAL A 271 2.28 15.73 -0.94
C VAL A 271 2.88 16.87 -0.14
N VAL A 272 2.24 18.02 -0.13
CA VAL A 272 2.80 19.23 0.49
C VAL A 272 1.83 19.87 1.45
N MET A 273 2.26 20.07 2.68
CA MET A 273 1.45 20.80 3.65
C MET A 273 1.75 22.26 3.51
N ALA A 274 0.74 23.02 3.10
CA ALA A 274 0.87 24.48 2.95
C ALA A 274 0.23 25.21 4.11
N LEU A 275 1.02 26.06 4.78
CA LEU A 275 0.47 26.95 5.80
C LEU A 275 0.51 28.41 5.34
N LEU A 276 -0.67 29.03 5.28
CA LEU A 276 -0.82 30.36 4.70
C LEU A 276 -0.84 31.49 5.74
N PRO A 277 -0.23 32.63 5.40
CA PRO A 277 -0.15 33.78 6.29
C PRO A 277 -1.53 34.42 6.48
N LYS A 278 -1.67 35.22 7.52
CA LYS A 278 -2.89 35.97 7.73
C LYS A 278 -2.72 37.39 7.25
N LYS A 279 -1.64 38.01 7.69
CA LYS A 279 -1.29 39.32 7.18
C LYS A 279 -0.35 39.06 6.04
N GLU A 280 -0.89 38.84 4.84
CA GLU A 280 -0.08 38.36 3.74
C GLU A 280 1.04 39.26 3.28
N GLU A 281 0.73 40.53 3.12
CA GLU A 281 1.75 41.51 2.79
C GLU A 281 2.22 42.19 4.07
N LYS A 282 3.42 41.83 4.48
CA LYS A 282 4.14 40.80 3.76
C LYS A 282 4.58 39.61 4.63
N HIS A 283 4.20 38.41 4.21
CA HIS A 283 4.73 37.21 4.77
C HIS A 283 4.54 36.13 3.74
N PRO A 284 5.37 35.12 3.83
CA PRO A 284 5.36 34.09 2.83
C PRO A 284 4.56 32.96 3.36
N GLU A 285 4.32 32.00 2.50
CA GLU A 285 3.64 30.78 2.91
C GLU A 285 4.68 29.73 3.18
N ILE A 286 4.45 28.93 4.20
CA ILE A 286 5.28 27.78 4.49
C ILE A 286 4.73 26.59 3.67
N PHE A 287 5.61 25.97 2.88
CA PHE A 287 5.29 24.76 2.13
C PHE A 287 6.22 23.66 2.59
N VAL A 288 5.67 22.65 3.26
CA VAL A 288 6.47 21.52 3.78
C VAL A 288 6.26 20.25 2.94
N ASN A 289 7.24 19.89 2.14
CA ASN A 289 7.20 18.76 1.26
C ASN A 289 7.28 17.38 1.91
N PHE A 290 6.43 16.45 1.53
CA PHE A 290 6.56 15.11 2.04
C PHE A 290 7.04 14.15 1.00
N MET A 291 7.12 14.65 -0.22
CA MET A 291 7.50 13.86 -1.33
C MET A 291 6.53 12.74 -1.45
N GLU A 292 7.01 11.53 -1.64
CA GLU A 292 6.13 10.39 -1.73
C GLU A 292 5.88 9.73 -0.40
N PRO A 293 4.81 10.06 0.29
CA PRO A 293 4.47 9.35 1.52
C PRO A 293 3.86 7.97 1.31
N CYS A 294 3.20 7.77 0.16
CA CYS A 294 2.72 6.44 -0.22
C CYS A 294 3.57 5.96 -1.38
N TYR A 295 4.41 4.96 -1.12
CA TYR A 295 5.47 4.59 -2.04
C TYR A 295 4.93 4.07 -3.37
N GLY A 296 5.28 4.75 -4.45
CA GLY A 296 4.77 4.38 -5.76
C GLY A 296 5.45 3.14 -6.33
N SER A 297 4.64 2.13 -6.62
CA SER A 297 5.14 0.89 -7.17
C SER A 297 4.59 0.68 -8.57
N CYS A 298 3.44 1.28 -8.85
CA CYS A 298 2.84 1.25 -10.20
C CYS A 298 3.05 2.57 -10.94
N THR A 299 3.21 2.48 -12.26
CA THR A 299 3.21 3.62 -13.16
C THR A 299 2.20 3.50 -14.28
N GLU A 300 1.25 2.61 -14.16
CA GLU A 300 0.22 2.44 -15.17
C GLU A 300 -1.00 3.34 -14.91
N ARG A 301 -1.45 3.41 -13.66
CA ARG A 301 -2.64 4.14 -13.28
C ARG A 301 -2.45 5.65 -13.22
N GLN A 302 -3.54 6.39 -13.51
CA GLN A 302 -3.57 7.85 -13.38
C GLN A 302 -3.32 8.26 -11.97
N HIS A 303 -2.52 9.30 -11.78
CA HIS A 303 -2.23 9.76 -10.42
C HIS A 303 -3.46 10.31 -9.69
N HIS A 304 -3.60 9.87 -8.47
CA HIS A 304 -4.69 10.30 -7.66
C HIS A 304 -4.32 10.14 -6.22
N TYR A 305 -4.39 11.16 -5.42
CA TYR A 305 -4.16 10.99 -4.01
C TYR A 305 -5.46 11.15 -3.18
N TYR A 306 -5.85 10.08 -2.50
CA TYR A 306 -7.02 10.09 -1.60
C TYR A 306 -6.62 10.62 -0.21
N LEU A 307 -6.93 11.89 0.06
CA LEU A 307 -6.60 12.49 1.36
C LEU A 307 -7.80 12.61 2.28
N SER A 308 -7.60 12.34 3.57
CA SER A 308 -8.62 12.45 4.57
C SER A 308 -8.05 13.04 5.83
N TYR A 309 -8.77 14.00 6.39
CA TYR A 309 -8.34 14.63 7.62
C TYR A 309 -9.10 14.05 8.82
N ILE A 310 -8.36 13.61 9.83
CA ILE A 310 -8.97 13.23 11.11
C ILE A 310 -8.64 14.35 12.10
N GLU A 311 -9.67 15.09 12.49
CA GLU A 311 -9.47 16.27 13.33
C GLU A 311 -9.04 15.86 14.73
N GLU A 312 -9.79 14.92 15.29
CA GLU A 312 -9.57 14.32 16.60
C GLU A 312 -8.10 14.03 16.84
N TRP A 313 -7.46 13.46 15.82
CA TRP A 313 -6.06 13.07 15.92
C TRP A 313 -5.13 14.06 15.24
N ASP A 314 -5.70 15.07 14.59
CA ASP A 314 -4.92 16.12 13.91
C ASP A 314 -3.86 15.48 13.01
N LEU A 315 -4.35 14.59 12.16
CA LEU A 315 -3.55 13.93 11.13
C LEU A 315 -4.37 13.69 9.84
N VAL A 316 -3.64 13.43 8.76
CA VAL A 316 -4.19 13.12 7.46
C VAL A 316 -3.92 11.64 7.17
N LEU A 317 -4.90 10.93 6.61
CA LEU A 317 -4.66 9.64 6.01
C LEU A 317 -4.49 9.83 4.51
N ALA A 318 -3.32 9.43 3.98
CA ALA A 318 -3.06 9.55 2.54
C ALA A 318 -3.00 8.17 1.91
N ALA A 319 -3.63 8.06 0.74
CA ALA A 319 -3.61 6.85 -0.08
C ALA A 319 -3.41 7.28 -1.53
N SER A 320 -2.63 6.50 -2.26
CA SER A 320 -2.27 6.85 -3.64
C SER A 320 -2.71 5.76 -4.57
N ALA A 321 -3.14 6.17 -5.77
CA ALA A 321 -3.57 5.26 -6.83
C ALA A 321 -2.40 4.36 -7.24
N ALA A 322 -1.20 4.89 -7.06
CA ALA A 322 0.01 4.29 -7.57
C ALA A 322 0.72 3.45 -6.53
N SER A 323 0.07 3.22 -5.38
CA SER A 323 0.72 2.63 -4.22
C SER A 323 -0.19 1.71 -3.42
N THR A 324 0.41 0.77 -2.70
CA THR A 324 -0.34 -0.26 -2.03
C THR A 324 -0.44 0.09 -0.56
N GLU A 325 0.17 1.20 -0.17
CA GLU A 325 0.18 1.57 1.25
C GLU A 325 -0.59 2.85 1.59
N VAL A 326 -1.18 2.86 2.78
CA VAL A 326 -1.76 4.06 3.35
C VAL A 326 -0.74 4.56 4.36
N SER A 327 -0.29 5.80 4.19
CA SER A 327 0.60 6.39 5.16
C SER A 327 -0.09 7.52 5.95
N ILE A 328 0.55 7.99 7.03
CA ILE A 328 -0.04 9.01 7.90
C ILE A 328 0.81 10.29 7.92
N LEU A 329 0.17 11.43 7.77
CA LEU A 329 0.85 12.73 7.91
C LEU A 329 0.22 13.45 9.08
N ALA A 330 0.89 13.42 10.21
CA ALA A 330 0.35 13.95 11.45
C ALA A 330 0.97 15.28 11.79
N ARG A 331 0.23 16.09 12.52
CA ARG A 331 0.67 17.42 12.87
C ARG A 331 1.27 17.37 14.26
N GLN A 332 2.48 17.92 14.41
CA GLN A 332 3.16 18.04 15.71
C GLN A 332 2.38 19.00 16.62
N SER A 333 2.57 18.84 17.94
CA SER A 333 1.85 19.61 18.98
C SER A 333 2.04 21.12 18.89
N ASP A 334 3.16 21.56 18.31
CA ASP A 334 3.32 22.98 18.00
C ASP A 334 2.18 23.46 17.09
N GLN A 335 1.71 22.55 16.23
CA GLN A 335 0.67 22.81 15.22
C GLN A 335 1.15 23.76 14.13
N ILE A 336 2.41 23.63 13.73
CA ILE A 336 2.96 24.30 12.56
C ILE A 336 3.65 23.25 11.69
N ASN A 337 4.09 22.18 12.33
CA ASN A 337 4.79 21.14 11.62
C ASN A 337 4.12 19.78 11.62
N TRP A 338 4.46 19.00 10.61
CA TRP A 338 3.93 17.67 10.39
C TRP A 338 5.04 16.64 10.32
N GLU A 339 4.75 15.45 10.79
CA GLU A 339 5.67 14.34 10.66
C GLU A 339 4.95 13.23 9.91
N SER A 340 5.70 12.38 9.22
CA SER A 340 5.14 11.11 8.73
C SER A 340 5.42 10.07 9.79
N TRP A 341 4.49 9.17 10.01
CA TRP A 341 4.71 8.08 10.95
C TRP A 341 5.17 6.80 10.28
N LEU A 342 5.98 6.04 11.01
CA LEU A 342 6.42 4.73 10.59
C LEU A 342 5.83 3.71 11.57
N LEU A 343 5.17 2.69 11.04
CA LEU A 343 4.47 1.70 11.88
C LEU A 343 5.03 0.27 11.77
N GLU A 344 4.89 -0.47 12.87
CA GLU A 344 5.28 -1.88 12.95
C GLU A 344 4.74 -2.68 11.80
N ASP A 345 5.54 -3.56 11.23
CA ASP A 345 5.14 -4.20 9.99
C ASP A 345 3.78 -4.86 10.17
N SER A 346 3.52 -5.39 11.36
CA SER A 346 2.27 -6.09 11.64
C SER A 346 1.06 -5.17 11.82
N SER A 347 1.28 -3.88 11.72
CA SER A 347 0.23 -2.91 11.98
C SER A 347 0.03 -1.91 10.89
N ARG A 348 0.20 -2.29 9.66
CA ARG A 348 0.02 -1.37 8.54
C ARG A 348 -1.24 -1.68 7.73
N ALA A 349 -1.71 -0.66 7.03
CA ALA A 349 -2.75 -0.82 6.03
C ALA A 349 -2.06 -0.81 4.68
N GLU A 350 -1.95 -1.99 4.09
CA GLU A 350 -1.38 -2.16 2.76
C GLU A 350 -2.35 -3.00 1.96
N LEU A 351 -2.42 -2.77 0.66
CA LEU A 351 -3.38 -3.52 -0.13
C LEU A 351 -2.79 -4.88 -0.50
N PRO A 352 -3.63 -5.92 -0.58
CA PRO A 352 -3.18 -7.30 -0.83
C PRO A 352 -2.55 -7.52 -2.19
N VAL A 353 -1.82 -8.63 -2.33
CA VAL A 353 -1.38 -9.10 -3.64
C VAL A 353 -2.49 -9.99 -4.25
N THR A 354 -2.67 -9.88 -5.56
CA THR A 354 -3.69 -10.66 -6.26
C THR A 354 -3.25 -12.10 -6.46
N ASP A 355 -4.21 -12.94 -6.83
CA ASP A 355 -3.92 -14.35 -7.09
C ASP A 355 -2.91 -14.47 -8.22
N LYS A 356 -2.93 -13.51 -9.11
CA LYS A 356 -2.11 -13.49 -10.28
C LYS A 356 -0.78 -12.87 -9.96
N SER A 357 -0.51 -12.81 -8.68
CA SER A 357 0.76 -12.36 -8.13
C SER A 357 0.98 -10.82 -8.24
N ASP A 358 -0.07 -10.10 -8.65
CA ASP A 358 0.00 -8.66 -8.87
C ASP A 358 -0.36 -7.81 -7.66
N ASP A 359 0.09 -6.56 -7.69
CA ASP A 359 -0.35 -5.54 -6.73
C ASP A 359 -1.80 -5.14 -7.01
N SER A 360 -2.61 -5.05 -5.95
CA SER A 360 -3.91 -4.43 -6.07
C SER A 360 -3.81 -3.02 -5.53
N LEU A 361 -4.39 -2.07 -6.25
CA LEU A 361 -4.32 -0.67 -5.86
C LEU A 361 -5.70 -0.10 -5.54
N PRO A 362 -5.74 1.05 -4.81
CA PRO A 362 -7.00 1.62 -4.30
C PRO A 362 -7.86 2.27 -5.38
N MET A 363 -9.18 2.16 -5.22
CA MET A 363 -10.10 2.87 -6.09
C MET A 363 -11.07 3.69 -5.26
N GLY A 364 -11.09 3.44 -3.97
CA GLY A 364 -11.85 4.19 -3.00
C GLY A 364 -11.33 4.07 -1.57
N VAL A 365 -11.40 5.15 -0.81
CA VAL A 365 -11.02 5.18 0.60
C VAL A 365 -12.12 5.91 1.38
N VAL A 366 -12.42 5.44 2.59
CA VAL A 366 -13.42 6.07 3.45
C VAL A 366 -13.15 5.72 4.90
N VAL A 367 -13.74 6.48 5.82
CA VAL A 367 -13.60 6.20 7.25
C VAL A 367 -14.96 6.14 7.99
N ASP A 368 -15.30 4.96 8.52
CA ASP A 368 -16.55 4.76 9.30
C ASP A 368 -16.36 4.93 10.82
N TYR A 369 -17.30 5.62 11.46
CA TYR A 369 -17.28 5.81 12.92
C TYR A 369 -18.40 5.08 13.64
N THR A 370 -19.31 4.51 12.86
CA THR A 370 -20.54 3.97 13.41
C THR A 370 -20.37 2.71 14.26
N ASN A 371 -19.32 1.93 14.01
CA ASN A 371 -19.06 0.75 14.86
C ASN A 371 -18.48 1.12 16.23
N ALA A 386 -13.70 1.42 17.51
CA ALA A 386 -12.73 2.22 16.75
C ALA A 386 -13.25 2.84 15.44
N PRO A 387 -12.64 3.96 15.02
CA PRO A 387 -12.86 4.36 13.63
C PRO A 387 -12.32 3.24 12.73
N VAL A 388 -12.89 3.15 11.54
CA VAL A 388 -12.47 2.16 10.59
C VAL A 388 -12.17 2.76 9.23
N LEU A 389 -10.96 2.51 8.74
CA LEU A 389 -10.59 2.83 7.36
C LEU A 389 -11.03 1.69 6.43
N MET A 390 -11.53 2.04 5.24
CA MET A 390 -11.89 1.03 4.24
C MET A 390 -11.34 1.38 2.88
N LEU A 391 -10.79 0.37 2.22
CA LEU A 391 -10.25 0.53 0.87
C LEU A 391 -10.92 -0.42 -0.09
N LEU A 392 -11.18 0.05 -1.30
CA LEU A 392 -11.65 -0.84 -2.34
C LEU A 392 -10.50 -1.02 -3.34
N SER A 393 -10.05 -2.26 -3.51
CA SER A 393 -8.93 -2.57 -4.39
C SER A 393 -9.33 -2.50 -5.87
N THR A 394 -8.32 -2.35 -6.73
CA THR A 394 -8.53 -2.54 -8.15
C THR A 394 -8.95 -3.97 -8.45
N ASP A 395 -8.81 -4.86 -7.47
CA ASP A 395 -9.24 -6.24 -7.64
C ASP A 395 -10.68 -6.49 -7.15
N GLY A 396 -11.31 -5.47 -6.60
CA GLY A 396 -12.71 -5.56 -6.22
C GLY A 396 -12.84 -6.17 -4.86
N VAL A 397 -11.74 -6.15 -4.13
CA VAL A 397 -11.72 -6.59 -2.74
C VAL A 397 -11.84 -5.36 -1.84
N LEU A 398 -12.62 -5.50 -0.77
CA LEU A 398 -12.69 -4.44 0.22
C LEU A 398 -11.84 -4.79 1.44
N CYS A 399 -10.95 -3.86 1.81
CA CYS A 399 -10.01 -4.04 2.91
C CYS A 399 -10.26 -3.04 4.02
N PRO A 400 -10.89 -3.51 5.12
CA PRO A 400 -11.12 -2.67 6.28
C PRO A 400 -10.11 -2.86 7.42
N PHE A 401 -9.81 -1.76 8.11
CA PHE A 401 -8.88 -1.71 9.22
C PHE A 401 -9.43 -0.85 10.35
N TYR A 402 -9.41 -1.38 11.58
CA TYR A 402 -9.55 -0.56 12.79
C TYR A 402 -8.38 0.41 12.85
N MET A 403 -8.62 1.56 13.45
CA MET A 403 -7.54 2.48 13.71
C MET A 403 -7.47 2.66 15.21
N ILE A 404 -6.27 2.50 15.74
CA ILE A 404 -6.08 2.59 17.17
C ILE A 404 -4.91 3.53 17.40
N ASN A 405 -5.22 4.70 17.94
CA ASN A 405 -4.23 5.76 18.14
C ASN A 405 -3.67 5.86 19.54
N ASN B 8 13.72 -41.54 11.84
CA ASN B 8 13.32 -41.26 10.44
C ASN B 8 14.33 -40.35 9.75
N GLN B 9 14.37 -40.42 8.41
CA GLN B 9 15.22 -39.55 7.61
C GLN B 9 14.48 -38.33 7.07
N VAL B 10 15.20 -37.56 6.28
CA VAL B 10 14.63 -36.55 5.43
C VAL B 10 13.80 -37.28 4.36
N GLU B 11 12.77 -36.60 3.85
CA GLU B 11 12.02 -37.08 2.70
C GLU B 11 12.29 -36.11 1.57
N VAL B 12 12.84 -36.59 0.46
CA VAL B 12 12.93 -35.78 -0.74
C VAL B 12 11.60 -35.91 -1.49
N LEU B 13 10.84 -34.83 -1.53
CA LEU B 13 9.48 -34.83 -2.11
C LEU B 13 9.43 -34.31 -3.54
N GLN B 14 10.39 -33.46 -3.89
CA GLN B 14 10.58 -32.94 -5.25
C GLN B 14 12.06 -32.56 -5.34
N ARG B 15 12.74 -33.16 -6.31
CA ARG B 15 14.15 -32.92 -6.56
C ARG B 15 14.26 -32.63 -8.04
N ASP B 16 14.76 -31.45 -8.39
CA ASP B 16 14.95 -31.16 -9.81
C ASP B 16 16.34 -31.63 -10.28
N PRO B 17 16.51 -31.84 -11.60
CA PRO B 17 17.82 -32.24 -12.17
C PRO B 17 18.94 -31.24 -11.85
N ASN B 18 20.19 -31.64 -11.99
CA ASN B 18 21.26 -30.68 -11.77
C ASN B 18 21.36 -30.33 -10.29
N SER B 19 20.51 -31.00 -9.51
CA SER B 19 20.52 -30.91 -8.07
C SER B 19 21.13 -32.19 -7.47
N PRO B 20 22.28 -32.06 -6.76
CA PRO B 20 23.10 -33.20 -6.32
C PRO B 20 22.30 -34.22 -5.49
N LEU B 21 22.63 -35.49 -5.71
CA LEU B 21 21.86 -36.59 -5.15
C LEU B 21 22.41 -37.21 -3.86
N TYR B 22 23.52 -36.68 -3.33
CA TYR B 22 24.27 -37.29 -2.22
C TYR B 22 23.98 -36.76 -0.82
N SER B 23 23.79 -37.67 0.06
CA SER B 23 23.77 -37.28 1.49
C SER B 23 25.19 -36.90 1.94
N VAL B 24 25.30 -36.12 3.02
CA VAL B 24 26.61 -35.76 3.59
C VAL B 24 26.73 -36.18 5.07
N LYS B 25 27.88 -36.72 5.47
CA LYS B 25 28.06 -37.18 6.83
C LYS B 25 29.10 -36.43 7.62
N SER B 26 29.77 -35.51 6.97
CA SER B 26 30.73 -34.63 7.59
C SER B 26 30.65 -33.28 6.92
N PHE B 27 30.87 -32.22 7.71
CA PHE B 27 31.00 -30.89 7.14
C PHE B 27 32.21 -30.80 6.23
N GLU B 28 33.18 -31.71 6.40
CA GLU B 28 34.38 -31.74 5.56
C GLU B 28 34.06 -32.11 4.11
N GLU B 29 33.14 -33.04 3.89
CA GLU B 29 32.81 -33.38 2.52
C GLU B 29 31.98 -32.32 1.79
N LEU B 30 31.59 -31.25 2.48
CA LEU B 30 30.92 -30.10 1.85
C LEU B 30 31.91 -29.14 1.19
N ARG B 31 33.20 -29.34 1.44
CA ARG B 31 34.23 -28.50 0.85
C ARG B 31 33.96 -26.98 1.04
N LEU B 32 33.74 -26.57 2.29
CA LEU B 32 33.53 -25.14 2.63
C LEU B 32 34.85 -24.40 2.66
N LYS B 33 34.83 -23.07 2.77
CA LYS B 33 36.07 -22.32 2.98
C LYS B 33 36.60 -22.59 4.38
N PRO B 34 37.92 -22.52 4.57
CA PRO B 34 38.39 -22.86 5.90
C PRO B 34 37.78 -21.97 6.98
N GLN B 35 37.80 -20.66 6.75
CA GLN B 35 37.27 -19.68 7.70
C GLN B 35 35.85 -20.08 8.12
N LEU B 36 35.10 -20.55 7.14
CA LEU B 36 33.71 -20.90 7.32
C LEU B 36 33.51 -22.19 8.10
N LEU B 37 34.26 -23.23 7.73
CA LEU B 37 34.27 -24.51 8.45
C LEU B 37 34.69 -24.39 9.92
N GLN B 38 35.74 -23.59 10.20
CA GLN B 38 36.16 -23.34 11.57
C GLN B 38 35.01 -22.76 12.36
N GLY B 39 34.29 -21.83 11.71
CA GLY B 39 33.10 -21.20 12.25
C GLY B 39 32.08 -22.23 12.71
N VAL B 40 31.73 -23.16 11.82
CA VAL B 40 30.80 -24.26 12.14
C VAL B 40 31.34 -25.10 13.30
N TYR B 41 32.64 -25.43 13.24
CA TYR B 41 33.26 -26.23 14.27
C TYR B 41 33.21 -25.57 15.66
N ALA B 42 33.46 -24.25 15.65
CA ALA B 42 33.56 -23.42 16.86
C ALA B 42 32.25 -23.35 17.65
N MET B 43 31.12 -23.46 16.95
CA MET B 43 29.82 -23.51 17.59
C MET B 43 29.48 -24.87 18.16
N GLY B 44 30.39 -25.83 17.97
CA GLY B 44 30.18 -27.18 18.48
C GLY B 44 29.36 -28.03 17.53
N PHE B 45 29.44 -27.72 16.23
CA PHE B 45 28.86 -28.60 15.22
C PHE B 45 29.99 -29.47 14.67
N ASN B 46 30.22 -30.63 15.28
CA ASN B 46 31.32 -31.49 14.80
C ASN B 46 30.91 -32.45 13.67
N ARG B 47 29.62 -32.63 13.49
CA ARG B 47 29.09 -33.41 12.37
C ARG B 47 27.68 -32.89 12.06
N PRO B 48 27.22 -33.03 10.80
CA PRO B 48 25.90 -32.55 10.41
C PRO B 48 24.76 -33.24 11.11
N SER B 49 23.65 -32.52 11.30
CA SER B 49 22.40 -33.11 11.80
C SER B 49 21.61 -33.78 10.67
N LYS B 50 20.56 -34.54 11.05
CA LYS B 50 19.78 -35.33 10.08
C LYS B 50 19.36 -34.49 8.90
N ILE B 51 18.74 -33.36 9.21
CA ILE B 51 18.21 -32.46 8.19
C ILE B 51 19.34 -31.93 7.32
N GLN B 52 20.44 -31.57 7.99
CA GLN B 52 21.61 -30.97 7.35
C GLN B 52 22.30 -31.91 6.36
N GLU B 53 22.22 -33.22 6.64
CA GLU B 53 22.73 -34.24 5.73
C GLU B 53 22.27 -34.05 4.29
N ASN B 54 21.00 -33.66 4.08
CA ASN B 54 20.50 -33.46 2.72
C ASN B 54 20.38 -32.00 2.38
N ALA B 55 19.91 -31.19 3.32
CA ALA B 55 19.69 -29.78 3.05
C ALA B 55 20.99 -29.10 2.62
N LEU B 56 22.08 -29.38 3.31
CA LEU B 56 23.36 -28.77 2.99
C LEU B 56 23.86 -29.01 1.55
N PRO B 57 23.90 -30.29 1.09
CA PRO B 57 24.29 -30.59 -0.29
C PRO B 57 23.44 -29.85 -1.31
N LEU B 58 22.12 -29.83 -1.07
CA LEU B 58 21.17 -29.15 -1.96
C LEU B 58 21.45 -27.64 -2.04
N MET B 59 21.71 -27.02 -0.88
CA MET B 59 21.89 -25.57 -0.79
C MET B 59 23.23 -25.10 -1.30
N LEU B 60 24.24 -25.98 -1.27
CA LEU B 60 25.58 -25.56 -1.66
C LEU B 60 25.97 -25.97 -3.08
N ALA B 61 25.16 -26.87 -3.66
CA ALA B 61 25.33 -27.25 -5.06
C ALA B 61 25.50 -26.06 -6.02
N GLU B 62 26.30 -26.28 -7.06
CA GLU B 62 26.48 -25.29 -8.14
C GLU B 62 25.89 -25.83 -9.44
N PRO B 63 25.09 -24.99 -10.14
CA PRO B 63 24.64 -23.68 -9.67
C PRO B 63 23.48 -23.84 -8.67
N PRO B 64 23.16 -22.77 -7.92
CA PRO B 64 22.36 -22.94 -6.69
C PRO B 64 20.93 -23.39 -6.98
N GLN B 65 20.28 -24.01 -6.00
CA GLN B 65 18.92 -24.53 -6.17
C GLN B 65 18.06 -24.02 -5.04
N ASN B 66 16.85 -23.63 -5.37
CA ASN B 66 15.89 -23.16 -4.39
C ASN B 66 15.39 -24.36 -3.60
N LEU B 67 15.01 -24.14 -2.34
CA LEU B 67 14.57 -25.24 -1.50
C LEU B 67 13.38 -24.84 -0.64
N ILE B 68 12.38 -25.72 -0.60
CA ILE B 68 11.33 -25.65 0.41
C ILE B 68 11.61 -26.78 1.39
N ALA B 69 11.71 -26.44 2.67
CA ALA B 69 12.12 -27.44 3.65
C ALA B 69 11.21 -27.44 4.87
N GLN B 70 10.52 -28.56 5.04
CA GLN B 70 9.75 -28.78 6.25
C GLN B 70 10.66 -29.33 7.32
N SER B 71 10.69 -28.68 8.45
CA SER B 71 11.37 -29.18 9.61
C SER B 71 10.93 -28.34 10.76
N GLN B 72 10.81 -28.92 11.93
CA GLN B 72 10.57 -28.13 13.11
C GLN B 72 11.79 -27.26 13.22
N SER B 73 11.59 -26.00 13.60
CA SER B 73 12.73 -25.07 13.76
C SER B 73 13.60 -25.55 14.91
N GLY B 74 14.87 -25.17 14.86
CA GLY B 74 15.88 -25.53 15.86
C GLY B 74 17.24 -25.08 15.34
N THR B 75 18.28 -25.26 16.16
CA THR B 75 19.62 -24.83 15.76
C THR B 75 20.04 -25.51 14.48
N GLY B 76 19.59 -26.76 14.31
CA GLY B 76 19.87 -27.60 13.13
C GLY B 76 19.56 -26.92 11.82
N LYS B 77 18.29 -26.56 11.64
CA LYS B 77 17.83 -25.96 10.40
C LYS B 77 18.41 -24.57 10.18
N THR B 78 18.54 -23.82 11.27
CA THR B 78 18.98 -22.44 11.23
C THR B 78 20.44 -22.37 10.81
N ALA B 79 21.26 -23.18 11.46
CA ALA B 79 22.66 -23.27 11.11
C ALA B 79 22.78 -23.74 9.67
N ALA B 80 21.87 -24.63 9.26
CA ALA B 80 21.83 -25.06 7.87
C ALA B 80 21.73 -23.84 6.95
N PHE B 81 20.68 -23.03 7.13
CA PHE B 81 20.49 -21.86 6.25
C PHE B 81 21.46 -20.70 6.50
N VAL B 82 21.96 -20.61 7.72
CA VAL B 82 22.97 -19.62 8.04
C VAL B 82 24.25 -19.91 7.26
N LEU B 83 24.59 -21.19 7.18
CA LEU B 83 25.78 -21.66 6.47
C LEU B 83 25.60 -21.41 4.99
N ALA B 84 24.42 -21.70 4.47
CA ALA B 84 24.10 -21.43 3.07
C ALA B 84 24.42 -19.98 2.76
N MET B 85 23.89 -19.07 3.58
CA MET B 85 24.12 -17.66 3.37
C MET B 85 25.58 -17.30 3.38
N LEU B 86 26.29 -17.67 4.44
CA LEU B 86 27.70 -17.32 4.57
C LEU B 86 28.52 -17.85 3.40
N SER B 87 28.24 -19.09 2.97
CA SER B 87 28.89 -19.68 1.80
C SER B 87 28.95 -18.83 0.57
N GLN B 88 27.93 -18.00 0.37
CA GLN B 88 27.76 -17.28 -0.88
C GLN B 88 28.22 -15.82 -0.78
N VAL B 89 28.47 -15.38 0.44
CA VAL B 89 28.88 -14.01 0.73
C VAL B 89 30.29 -13.70 0.23
N GLU B 90 30.50 -12.46 -0.18
CA GLU B 90 31.81 -11.98 -0.64
C GLU B 90 32.15 -10.71 0.14
N PRO B 91 32.82 -10.85 1.31
CA PRO B 91 32.98 -9.66 2.18
C PRO B 91 33.65 -8.48 1.50
N ALA B 92 34.39 -8.79 0.42
CA ALA B 92 35.03 -7.80 -0.45
C ALA B 92 34.08 -6.71 -0.91
N ASN B 93 32.96 -7.14 -1.51
CA ASN B 93 31.92 -6.22 -1.92
C ASN B 93 31.09 -5.79 -0.71
N LYS B 94 31.16 -4.50 -0.41
CA LYS B 94 30.49 -3.91 0.74
C LYS B 94 29.05 -3.51 0.48
N TYR B 95 28.18 -4.50 0.42
CA TYR B 95 26.74 -4.27 0.27
C TYR B 95 25.97 -5.58 0.46
N PRO B 96 24.66 -5.49 0.80
CA PRO B 96 23.94 -6.72 1.11
C PRO B 96 23.96 -7.70 -0.05
N GLN B 97 24.19 -8.96 0.26
CA GLN B 97 24.18 -10.02 -0.74
C GLN B 97 23.25 -11.12 -0.24
N CYS B 98 23.08 -11.16 1.08
CA CYS B 98 22.23 -12.15 1.72
C CYS B 98 21.11 -11.54 2.54
N LEU B 99 19.91 -12.02 2.28
CA LEU B 99 18.75 -11.48 2.94
C LEU B 99 17.96 -12.59 3.63
N CYS B 100 17.68 -12.36 4.91
CA CYS B 100 16.97 -13.30 5.74
C CYS B 100 15.75 -12.64 6.37
N LEU B 101 14.57 -13.25 6.17
CA LEU B 101 13.33 -12.75 6.76
C LEU B 101 12.87 -13.55 7.96
N SER B 102 12.87 -12.92 9.13
CA SER B 102 12.30 -13.54 10.33
C SER B 102 10.86 -13.05 10.51
N PRO B 103 10.00 -13.90 11.11
CA PRO B 103 8.63 -13.48 11.44
C PRO B 103 8.55 -12.49 12.62
N THR B 104 9.54 -12.49 13.50
CA THR B 104 9.53 -11.58 14.64
C THR B 104 10.87 -10.89 14.84
N TYR B 105 10.85 -9.80 15.57
CA TYR B 105 12.04 -9.03 15.92
C TYR B 105 12.97 -9.90 16.78
N GLU B 106 12.35 -10.68 17.66
CA GLU B 106 13.04 -11.51 18.63
C GLU B 106 13.73 -12.69 17.93
N LEU B 107 13.04 -13.32 16.99
CA LEU B 107 13.63 -14.38 16.19
C LEU B 107 14.79 -13.83 15.38
N ALA B 108 14.64 -12.60 14.88
CA ALA B 108 15.63 -12.02 14.00
C ALA B 108 16.93 -11.88 14.74
N LEU B 109 16.88 -11.31 15.95
CA LEU B 109 18.07 -11.13 16.78
C LEU B 109 18.74 -12.47 17.12
N GLN B 110 17.91 -13.45 17.50
CA GLN B 110 18.34 -14.81 17.79
C GLN B 110 19.08 -15.51 16.63
N THR B 111 18.49 -15.49 15.43
CA THR B 111 19.17 -15.94 14.21
C THR B 111 20.38 -15.10 13.89
N GLY B 112 20.31 -13.82 14.20
CA GLY B 112 21.43 -12.93 13.98
C GLY B 112 22.68 -13.39 14.73
N LYS B 113 22.49 -13.74 16.00
CA LYS B 113 23.57 -14.28 16.82
C LYS B 113 24.27 -15.42 16.09
N VAL B 114 23.46 -16.38 15.61
CA VAL B 114 23.92 -17.57 14.89
C VAL B 114 24.79 -17.18 13.71
N ILE B 115 24.36 -16.18 12.93
CA ILE B 115 25.18 -15.70 11.84
C ILE B 115 26.47 -15.16 12.43
N GLU B 116 26.37 -14.23 13.36
CA GLU B 116 27.57 -13.62 13.92
C GLU B 116 28.54 -14.66 14.46
N GLN B 117 28.02 -15.62 15.22
CA GLN B 117 28.77 -16.77 15.73
C GLN B 117 29.51 -17.51 14.60
N MET B 118 28.75 -18.02 13.64
CA MET B 118 29.28 -18.85 12.57
C MET B 118 30.17 -18.10 11.61
N GLY B 119 30.10 -16.79 11.62
CA GLY B 119 30.90 -16.02 10.70
C GLY B 119 32.07 -15.37 11.39
N LYS B 120 32.30 -15.71 12.66
CA LYS B 120 33.30 -15.02 13.46
C LYS B 120 34.70 -14.92 12.83
N PHE B 121 35.11 -15.92 12.07
CA PHE B 121 36.45 -15.92 11.43
C PHE B 121 36.42 -15.21 10.09
N TYR B 122 35.28 -14.64 9.80
CA TYR B 122 35.18 -13.72 8.73
C TYR B 122 35.45 -12.31 9.26
N PRO B 123 36.60 -11.77 8.96
CA PRO B 123 37.00 -10.47 9.51
C PRO B 123 36.26 -9.22 9.04
N GLU B 124 36.01 -9.10 7.74
CA GLU B 124 35.39 -7.89 7.18
C GLU B 124 33.87 -7.98 7.04
N LEU B 125 33.31 -9.09 7.48
CA LEU B 125 31.88 -9.35 7.31
C LEU B 125 31.10 -8.68 8.44
N LYS B 126 30.05 -7.95 8.06
CA LYS B 126 29.16 -7.27 8.99
C LYS B 126 27.67 -7.53 8.67
N LEU B 127 26.84 -7.51 9.71
CA LEU B 127 25.43 -7.87 9.60
C LEU B 127 24.43 -6.76 10.04
N ALA B 128 23.54 -6.37 9.13
CA ALA B 128 22.52 -5.33 9.36
C ALA B 128 21.18 -5.92 9.81
N TYR B 129 20.47 -5.21 10.67
CA TYR B 129 19.15 -5.67 11.08
C TYR B 129 18.08 -4.75 10.51
N ALA B 130 17.24 -5.31 9.63
CA ALA B 130 16.12 -4.58 9.08
C ALA B 130 14.94 -4.75 10.01
N VAL B 131 14.97 -4.07 11.15
CA VAL B 131 13.90 -4.25 12.13
C VAL B 131 13.36 -2.89 12.59
N ARG B 132 12.25 -2.91 13.32
CA ARG B 132 11.75 -1.71 13.99
C ARG B 132 12.76 -1.24 15.02
N GLY B 133 13.12 0.04 14.96
CA GLY B 133 14.17 0.59 15.81
C GLY B 133 15.32 1.20 15.03
N ASN B 134 15.97 0.39 14.20
CA ASN B 134 17.10 0.88 13.43
C ASN B 134 16.70 1.85 12.34
N LYS B 135 17.31 3.04 12.35
CA LYS B 135 16.95 4.13 11.42
C LYS B 135 18.14 4.55 10.58
N LEU B 136 17.88 5.23 9.46
CA LEU B 136 18.95 5.79 8.62
C LEU B 136 18.39 6.94 7.75
N GLU B 137 19.26 7.72 7.11
CA GLU B 137 18.82 8.70 6.10
C GLU B 137 18.65 8.08 4.72
N ARG B 138 17.87 8.69 3.85
CA ARG B 138 17.59 8.08 2.56
C ARG B 138 18.74 8.06 1.56
N GLY B 139 19.71 8.92 1.77
CA GLY B 139 20.88 9.00 0.88
C GLY B 139 21.70 7.73 0.90
N GLN B 140 21.92 7.21 2.09
CA GLN B 140 22.91 6.15 2.30
C GLN B 140 22.48 4.73 2.01
N LYS B 141 23.19 4.10 1.09
CA LYS B 141 23.21 2.65 0.92
C LYS B 141 23.95 2.01 2.10
N ILE B 142 23.46 0.88 2.60
CA ILE B 142 24.14 0.24 3.74
C ILE B 142 25.34 -0.59 3.29
N SER B 143 26.29 -0.74 4.20
CA SER B 143 27.55 -1.38 3.91
C SER B 143 27.64 -2.87 4.15
N GLU B 144 26.74 -3.38 4.96
CA GLU B 144 26.75 -4.74 5.42
C GLU B 144 26.51 -5.68 4.29
N GLN B 145 26.93 -6.91 4.44
CA GLN B 145 26.85 -7.84 3.32
C GLN B 145 25.70 -8.82 3.56
N ILE B 146 25.34 -9.01 4.83
CA ILE B 146 24.17 -9.78 5.18
C ILE B 146 23.18 -8.89 5.90
N VAL B 147 21.90 -9.02 5.56
CA VAL B 147 20.82 -8.28 6.24
C VAL B 147 19.78 -9.25 6.80
N ILE B 148 19.35 -9.02 8.02
CA ILE B 148 18.24 -9.79 8.56
C ILE B 148 17.18 -8.88 9.21
N GLY B 149 15.91 -9.21 9.01
CA GLY B 149 14.84 -8.52 9.71
C GLY B 149 13.46 -9.07 9.47
N THR B 150 12.47 -8.23 9.75
CA THR B 150 11.07 -8.55 9.57
C THR B 150 10.65 -7.95 8.24
N PRO B 151 9.68 -8.59 7.54
CA PRO B 151 9.47 -8.30 6.10
C PRO B 151 9.05 -6.86 5.81
N GLY B 152 8.14 -6.31 6.60
CA GLY B 152 7.74 -4.91 6.46
C GLY B 152 8.93 -3.97 6.38
N THR B 153 9.83 -4.07 7.34
CA THR B 153 10.98 -3.17 7.38
C THR B 153 11.99 -3.53 6.29
N VAL B 154 12.08 -4.81 5.98
CA VAL B 154 12.96 -5.23 4.90
C VAL B 154 12.42 -4.66 3.58
N LEU B 155 11.11 -4.79 3.37
CA LEU B 155 10.44 -4.23 2.21
C LEU B 155 10.67 -2.74 2.11
N ASP B 156 10.37 -2.04 3.21
CA ASP B 156 10.70 -0.64 3.36
C ASP B 156 12.12 -0.42 2.90
N TRP B 157 13.07 -1.10 3.55
CA TRP B 157 14.48 -0.92 3.18
C TRP B 157 14.66 -1.04 1.67
N CYS B 158 14.31 -2.20 1.11
CA CYS B 158 14.56 -2.46 -0.30
C CYS B 158 14.01 -1.46 -1.29
N SER B 159 12.75 -1.03 -1.10
CA SER B 159 12.11 -0.15 -2.09
C SER B 159 11.67 1.27 -1.68
N LYS B 160 11.42 1.50 -0.39
CA LYS B 160 10.98 2.81 0.07
C LYS B 160 12.13 3.70 0.50
N LEU B 161 13.19 3.11 1.06
CA LEU B 161 14.24 3.89 1.67
C LEU B 161 15.55 3.79 0.91
N LYS B 162 15.56 3.02 -0.18
CA LYS B 162 16.76 2.84 -1.00
C LYS B 162 18.00 2.47 -0.15
N PHE B 163 17.85 1.54 0.78
CA PHE B 163 18.98 1.14 1.62
C PHE B 163 19.69 -0.05 0.99
N ILE B 164 18.91 -0.82 0.25
CA ILE B 164 19.32 -2.13 -0.26
C ILE B 164 18.99 -2.20 -1.75
N ASP B 165 19.98 -2.56 -2.57
CA ASP B 165 19.70 -2.85 -3.97
C ASP B 165 19.33 -4.32 -4.07
N PRO B 166 18.03 -4.59 -4.27
CA PRO B 166 17.50 -5.96 -4.27
C PRO B 166 18.11 -6.80 -5.40
N LYS B 167 18.51 -6.13 -6.48
CA LYS B 167 19.10 -6.76 -7.64
C LYS B 167 20.49 -7.33 -7.39
N LYS B 168 21.00 -7.18 -6.16
CA LYS B 168 22.34 -7.69 -5.79
C LYS B 168 22.33 -8.78 -4.71
N ILE B 169 21.14 -9.24 -4.34
CA ILE B 169 20.96 -10.25 -3.31
C ILE B 169 21.05 -11.61 -4.00
N LYS B 170 21.93 -12.49 -3.53
CA LYS B 170 22.08 -13.81 -4.17
C LYS B 170 21.51 -14.99 -3.34
N VAL B 171 21.29 -14.76 -2.05
CA VAL B 171 20.63 -15.75 -1.21
C VAL B 171 19.50 -15.06 -0.47
N PHE B 172 18.35 -15.74 -0.43
CA PHE B 172 17.15 -15.23 0.24
C PHE B 172 16.50 -16.29 1.18
N VAL B 173 16.56 -16.03 2.48
CA VAL B 173 15.93 -16.94 3.43
C VAL B 173 14.59 -16.42 3.94
N LEU B 174 13.62 -17.32 3.93
CA LEU B 174 12.31 -17.06 4.46
C LEU B 174 12.01 -18.08 5.58
N ASP B 175 12.15 -17.61 6.82
CA ASP B 175 12.15 -18.47 8.00
C ASP B 175 10.77 -18.54 8.67
N GLU B 176 10.40 -19.74 9.10
CA GLU B 176 9.18 -19.98 9.88
C GLU B 176 7.94 -19.52 9.12
N ALA B 177 7.88 -19.85 7.85
CA ALA B 177 6.84 -19.31 6.98
C ALA B 177 5.40 -19.53 7.48
N ASP B 178 5.17 -20.59 8.25
CA ASP B 178 3.86 -20.77 8.90
C ASP B 178 3.52 -19.60 9.82
N VAL B 179 4.35 -19.37 10.84
CA VAL B 179 4.23 -18.22 11.73
C VAL B 179 4.17 -16.89 10.94
N MET B 180 4.96 -16.84 9.87
CA MET B 180 5.09 -15.67 9.01
C MET B 180 3.75 -15.17 8.47
N ILE B 181 3.06 -16.01 7.71
CA ILE B 181 1.81 -15.60 7.06
C ILE B 181 0.58 -15.66 7.99
N ALA B 182 0.82 -15.94 9.26
CA ALA B 182 -0.23 -15.90 10.25
C ALA B 182 -0.31 -14.49 10.83
N THR B 183 0.75 -13.73 10.67
CA THR B 183 0.77 -12.36 11.15
C THR B 183 0.37 -11.40 10.03
N GLN B 184 -0.23 -10.27 10.43
CA GLN B 184 -0.77 -9.27 9.53
C GLN B 184 0.24 -8.75 8.53
N GLY B 185 -0.15 -8.75 7.25
CA GLY B 185 0.62 -8.08 6.19
C GLY B 185 1.93 -8.67 5.71
N HIS B 186 2.45 -9.65 6.47
CA HIS B 186 3.74 -10.29 6.22
C HIS B 186 3.74 -11.10 4.95
N GLN B 187 2.63 -11.80 4.70
CA GLN B 187 2.55 -12.62 3.50
C GLN B 187 2.84 -11.76 2.27
N ASP B 188 2.07 -10.68 2.12
CA ASP B 188 2.20 -9.77 0.98
C ASP B 188 3.52 -9.01 0.96
N GLN B 189 4.04 -8.71 2.15
CA GLN B 189 5.36 -8.06 2.26
C GLN B 189 6.46 -8.97 1.68
N SER B 190 6.45 -10.23 2.09
CA SER B 190 7.40 -11.23 1.62
C SER B 190 7.32 -11.40 0.11
N ILE B 191 6.11 -11.63 -0.39
CA ILE B 191 5.88 -11.75 -1.83
C ILE B 191 6.48 -10.57 -2.60
N ARG B 192 6.29 -9.36 -2.07
CA ARG B 192 6.70 -8.13 -2.76
C ARG B 192 8.22 -7.92 -2.71
N ILE B 193 8.84 -8.48 -1.68
CA ILE B 193 10.30 -8.49 -1.58
C ILE B 193 10.89 -9.48 -2.58
N GLN B 194 10.37 -10.70 -2.62
CA GLN B 194 10.91 -11.75 -3.46
C GLN B 194 10.81 -11.34 -4.93
N ARG B 195 9.65 -10.79 -5.29
CA ARG B 195 9.43 -10.23 -6.61
C ARG B 195 10.61 -9.36 -7.05
N MET B 196 11.15 -8.59 -6.11
CA MET B 196 12.23 -7.65 -6.36
C MET B 196 13.59 -8.27 -6.72
N LEU B 197 13.84 -9.49 -6.25
CA LEU B 197 15.13 -10.16 -6.42
C LEU B 197 15.36 -10.67 -7.86
N PRO B 198 16.64 -10.84 -8.30
CA PRO B 198 17.00 -11.29 -9.66
C PRO B 198 16.70 -12.76 -9.88
N ARG B 199 16.75 -13.21 -11.12
CA ARG B 199 16.38 -14.55 -11.54
C ARG B 199 17.18 -15.61 -10.77
N ASN B 200 18.50 -15.46 -10.69
CA ASN B 200 19.38 -16.50 -10.15
C ASN B 200 19.63 -16.42 -8.63
N CYS B 201 18.99 -15.48 -7.95
CA CYS B 201 19.05 -15.45 -6.51
C CYS B 201 18.49 -16.75 -5.96
N GLN B 202 19.12 -17.26 -4.90
CA GLN B 202 18.73 -18.55 -4.33
C GLN B 202 17.64 -18.39 -3.26
N MET B 203 16.49 -18.99 -3.53
CA MET B 203 15.32 -18.91 -2.64
C MET B 203 15.23 -20.08 -1.68
N LEU B 204 15.16 -19.79 -0.38
CA LEU B 204 15.14 -20.86 0.62
C LEU B 204 14.04 -20.67 1.67
N LEU B 205 13.07 -21.57 1.72
CA LEU B 205 11.95 -21.43 2.67
C LEU B 205 11.92 -22.55 3.71
N PHE B 206 11.63 -22.18 4.95
CA PHE B 206 11.57 -23.13 6.05
C PHE B 206 10.32 -22.95 6.87
N SER B 207 9.65 -24.07 7.11
CA SER B 207 8.44 -24.08 7.92
C SER B 207 8.29 -25.39 8.67
N ALA B 208 7.91 -25.30 9.94
CA ALA B 208 7.62 -26.47 10.75
C ALA B 208 6.44 -27.23 10.16
N THR B 209 5.43 -26.50 9.73
CA THR B 209 4.19 -27.10 9.28
C THR B 209 3.82 -26.57 7.90
N PHE B 210 3.05 -27.34 7.16
CA PHE B 210 2.69 -26.97 5.81
C PHE B 210 1.23 -27.24 5.52
N GLU B 211 0.40 -26.25 5.87
CA GLU B 211 -1.02 -26.32 5.57
C GLU B 211 -1.24 -25.70 4.21
N ASP B 212 -2.40 -25.96 3.61
CA ASP B 212 -2.68 -25.58 2.23
C ASP B 212 -2.17 -24.17 1.93
N SER B 213 -2.65 -23.20 2.73
CA SER B 213 -2.26 -21.80 2.61
C SER B 213 -0.74 -21.63 2.52
N VAL B 214 -0.05 -22.16 3.54
CA VAL B 214 1.41 -22.08 3.67
C VAL B 214 2.12 -22.67 2.46
N TRP B 215 1.67 -23.84 2.02
CA TRP B 215 2.27 -24.51 0.88
C TRP B 215 2.02 -23.76 -0.42
N LYS B 216 0.77 -23.24 -0.59
CA LYS B 216 0.42 -22.39 -1.72
C LYS B 216 1.29 -21.14 -1.76
N PHE B 217 1.45 -20.53 -0.56
CA PHE B 217 2.34 -19.39 -0.39
C PHE B 217 3.76 -19.71 -0.83
N ALA B 218 4.32 -20.76 -0.22
CA ALA B 218 5.70 -21.21 -0.43
C ALA B 218 6.02 -21.38 -1.91
N GLN B 219 5.10 -21.97 -2.66
CA GLN B 219 5.26 -22.16 -4.10
C GLN B 219 5.30 -20.85 -4.89
N LYS B 220 4.58 -19.82 -4.42
CA LYS B 220 4.64 -18.54 -5.11
C LYS B 220 6.01 -17.88 -4.94
N VAL B 221 6.61 -18.14 -3.76
CA VAL B 221 7.84 -17.49 -3.33
C VAL B 221 9.12 -18.13 -3.85
N VAL B 222 9.10 -19.45 -4.03
CA VAL B 222 10.29 -20.24 -4.31
C VAL B 222 10.04 -21.05 -5.58
N PRO B 223 10.52 -20.54 -6.73
CA PRO B 223 10.40 -21.31 -7.97
C PRO B 223 11.27 -22.57 -7.97
N ASP B 224 10.88 -23.55 -8.79
CA ASP B 224 11.67 -24.77 -9.09
C ASP B 224 12.32 -25.42 -7.89
N PRO B 225 11.55 -25.63 -6.82
CA PRO B 225 12.19 -25.93 -5.56
C PRO B 225 12.60 -27.39 -5.40
N ASN B 226 13.50 -27.63 -4.46
CA ASN B 226 13.64 -28.94 -3.87
C ASN B 226 12.71 -28.95 -2.66
N VAL B 227 11.95 -30.02 -2.51
CA VAL B 227 11.08 -30.15 -1.36
C VAL B 227 11.57 -31.28 -0.46
N ILE B 228 11.83 -30.96 0.80
CA ILE B 228 12.27 -31.94 1.77
C ILE B 228 11.50 -31.76 3.07
N LYS B 229 11.31 -32.87 3.77
CA LYS B 229 10.63 -32.87 5.05
C LYS B 229 11.35 -33.85 5.97
N LEU B 230 11.60 -33.46 7.22
CA LEU B 230 12.19 -34.35 8.21
C LEU B 230 11.13 -35.03 9.06
N LYS B 231 11.31 -36.32 9.38
CA LYS B 231 10.39 -37.16 10.19
C LYS B 231 8.94 -37.09 9.71
#